data_2JB7
#
_entry.id   2JB7
#
_cell.length_a   120.133
_cell.length_b   120.133
_cell.length_c   156.251
_cell.angle_alpha   90.00
_cell.angle_beta   90.00
_cell.angle_gamma   90.00
#
_symmetry.space_group_name_H-M   'I 41 2 2'
#
loop_
_entity.id
_entity.type
_entity.pdbx_description
1 polymer 'HYPOTHETICAL PROTEIN PAE2307'
2 non-polymer 'ADENOSINE MONOPHOSPHATE'
3 non-polymer '4-(2-HYDROXYETHYL)-1-PIPERAZINE ETHANESULFONIC ACID'
4 non-polymer 'ACETATE ION'
5 water water
#
_entity_poly.entity_id   1
_entity_poly.type   'polypeptide(L)'
_entity_poly.pdbx_seq_one_letter_code
;MSIKFELIDVPIPQGTNVIIGQAHFIKTVEDLYEALVTSVPGVKFGIAFCEASGKRLVRHEANDEELRNLAIDLCKKIAA
GHVFVIYIRNAWPINVLNAIKNVPEVVRIFAATANPLKVIVAEVEPERRGVVGVVDGHSPLGVETEKDREERKKFLREVV
KYKL
;
_entity_poly.pdbx_strand_id   A,B,C
#
loop_
_chem_comp.id
_chem_comp.type
_chem_comp.name
_chem_comp.formula
ACT non-polymer 'ACETATE ION' 'C2 H3 O2 -1'
AMP non-polymer 'ADENOSINE MONOPHOSPHATE' 'C10 H14 N5 O7 P'
EPE non-polymer '4-(2-HYDROXYETHYL)-1-PIPERAZINE ETHANESULFONIC ACID' 'C8 H18 N2 O4 S'
#
# COMPACT_ATOMS: atom_id res chain seq x y z
N SER A 2 -17.61 -15.70 -10.73
CA SER A 2 -16.23 -15.95 -10.21
C SER A 2 -15.49 -14.59 -10.10
N ILE A 3 -14.35 -14.42 -10.78
CA ILE A 3 -13.65 -13.13 -10.84
C ILE A 3 -13.26 -12.77 -12.28
N LYS A 4 -13.64 -11.57 -12.72
CA LYS A 4 -13.28 -11.07 -14.03
C LYS A 4 -12.19 -10.00 -13.83
N PHE A 5 -11.11 -10.12 -14.57
CA PHE A 5 -10.05 -9.13 -14.59
C PHE A 5 -10.20 -8.29 -15.83
N GLU A 6 -9.96 -7.00 -15.66
CA GLU A 6 -10.10 -6.02 -16.69
C GLU A 6 -8.85 -5.12 -16.64
N LEU A 7 -8.41 -4.68 -17.81
CA LEU A 7 -7.27 -3.78 -17.93
C LEU A 7 -7.74 -2.42 -18.35
N ILE A 8 -7.36 -1.40 -17.58
CA ILE A 8 -7.69 -0.01 -17.90
C ILE A 8 -6.43 0.76 -18.27
N ASP A 9 -6.41 1.32 -19.49
CA ASP A 9 -5.28 2.10 -19.92
C ASP A 9 -5.42 3.51 -19.38
N VAL A 10 -4.34 4.11 -18.90
CA VAL A 10 -4.39 5.41 -18.26
C VAL A 10 -3.77 6.42 -19.19
N PRO A 11 -4.57 7.36 -19.72
CA PRO A 11 -4.02 8.42 -20.55
C PRO A 11 -3.19 9.38 -19.70
N ILE A 12 -1.98 9.71 -20.14
CA ILE A 12 -1.16 10.68 -19.44
C ILE A 12 -0.59 11.66 -20.47
N PRO A 13 -1.27 12.81 -20.65
CA PRO A 13 -0.79 13.82 -21.57
C PRO A 13 0.55 14.37 -21.16
N GLN A 14 1.31 14.84 -22.14
CA GLN A 14 2.63 15.34 -21.86
C GLN A 14 2.58 16.47 -20.85
N GLY A 15 3.52 16.47 -19.91
CA GLY A 15 3.53 17.45 -18.84
C GLY A 15 2.67 17.14 -17.64
N THR A 16 1.94 16.04 -17.67
CA THR A 16 1.18 15.63 -16.49
C THR A 16 1.84 14.43 -15.81
N ASN A 17 1.46 14.28 -14.54
CA ASN A 17 1.68 13.07 -13.78
C ASN A 17 0.38 12.59 -13.18
N VAL A 18 0.24 11.28 -13.01
CA VAL A 18 -0.95 10.75 -12.38
C VAL A 18 -0.59 10.09 -11.04
N ILE A 19 -1.47 10.22 -10.06
CA ILE A 19 -1.39 9.51 -8.77
C ILE A 19 -2.74 8.79 -8.60
N ILE A 20 -2.69 7.48 -8.36
CA ILE A 20 -3.91 6.68 -8.18
C ILE A 20 -3.79 5.96 -6.83
N GLY A 21 -4.84 6.01 -6.02
CA GLY A 21 -4.84 5.35 -4.73
C GLY A 21 -6.22 4.94 -4.27
N GLN A 22 -6.29 4.55 -3.01
CA GLN A 22 -7.54 4.16 -2.37
C GLN A 22 -7.63 4.86 -1.02
N ALA A 23 -8.84 5.32 -0.73
CA ALA A 23 -9.12 6.05 0.49
C ALA A 23 -10.44 5.52 1.04
N HIS A 24 -11.15 6.38 1.76
CA HIS A 24 -12.49 6.10 2.28
C HIS A 24 -13.05 7.42 2.79
N PHE A 25 -14.37 7.51 2.81
CA PHE A 25 -15.09 8.63 3.38
C PHE A 25 -15.10 9.80 2.46
N ILE A 26 -16.26 10.47 2.37
CA ILE A 26 -16.40 11.58 1.42
C ILE A 26 -15.44 12.76 1.59
N LYS A 27 -14.93 12.95 2.77
CA LYS A 27 -14.04 14.07 3.04
C LYS A 27 -12.72 13.91 2.30
N THR A 28 -12.44 12.71 1.83
CA THR A 28 -11.27 12.48 0.97
C THR A 28 -11.08 13.57 -0.08
N VAL A 29 -12.14 13.93 -0.77
CA VAL A 29 -12.02 14.83 -1.89
C VAL A 29 -11.51 16.21 -1.44
N GLU A 30 -12.04 16.72 -0.34
CA GLU A 30 -11.58 18.02 0.16
C GLU A 30 -10.17 17.93 0.71
N ASP A 31 -9.89 16.86 1.44
CA ASP A 31 -8.53 16.75 2.06
C ASP A 31 -7.45 16.62 0.99
N LEU A 32 -7.70 15.87 -0.12
CA LEU A 32 -6.74 15.75 -1.21
C LEU A 32 -6.60 17.10 -1.95
N TYR A 33 -7.71 17.83 -2.17
CA TYR A 33 -7.66 19.19 -2.73
C TYR A 33 -6.68 20.01 -1.91
N GLU A 34 -6.87 20.00 -0.60
CA GLU A 34 -6.01 20.80 0.28
C GLU A 34 -4.56 20.36 0.26
N ALA A 35 -4.31 19.05 0.25
CA ALA A 35 -2.95 18.56 0.24
C ALA A 35 -2.23 19.07 -1.01
N LEU A 36 -2.96 19.11 -2.12
CA LEU A 36 -2.33 19.54 -3.37
C LEU A 36 -2.13 21.06 -3.37
N VAL A 37 -3.18 21.83 -3.10
CA VAL A 37 -3.02 23.30 -3.26
C VAL A 37 -2.07 23.93 -2.24
N THR A 38 -1.87 23.27 -1.09
CA THR A 38 -1.01 23.82 -0.06
C THR A 38 0.42 23.30 -0.17
N SER A 39 0.69 22.46 -1.16
CA SER A 39 2.03 21.92 -1.37
C SER A 39 2.90 22.72 -2.32
N VAL A 40 2.32 23.19 -3.42
CA VAL A 40 3.08 23.89 -4.45
C VAL A 40 2.26 25.07 -4.96
N PRO A 41 2.81 26.30 -4.90
CA PRO A 41 1.97 27.46 -5.31
C PRO A 41 1.37 27.41 -6.71
N GLY A 42 2.12 26.97 -7.70
CA GLY A 42 1.55 27.05 -9.08
C GLY A 42 0.82 25.81 -9.56
N VAL A 43 0.53 24.90 -8.64
CA VAL A 43 0.10 23.59 -9.06
C VAL A 43 -1.23 23.68 -9.76
N LYS A 44 -1.36 22.89 -10.82
CA LYS A 44 -2.61 22.71 -11.54
C LYS A 44 -3.02 21.27 -11.37
N PHE A 45 -4.28 21.03 -11.05
CA PHE A 45 -4.67 19.65 -10.76
C PHE A 45 -6.15 19.36 -11.00
N GLY A 46 -6.43 18.09 -11.15
CA GLY A 46 -7.79 17.59 -11.04
C GLY A 46 -7.75 16.43 -10.09
N ILE A 47 -8.71 16.35 -9.18
CA ILE A 47 -8.81 15.19 -8.29
C ILE A 47 -10.24 14.64 -8.28
N ALA A 48 -10.36 13.32 -8.42
CA ALA A 48 -11.68 12.66 -8.44
C ALA A 48 -11.62 11.45 -7.52
N PHE A 49 -12.75 11.15 -6.86
CA PHE A 49 -12.82 10.13 -5.83
C PHE A 49 -14.11 9.41 -6.00
N CYS A 50 -14.03 8.07 -5.99
CA CYS A 50 -15.20 7.20 -6.10
C CYS A 50 -15.84 6.98 -4.74
N GLU A 51 -16.81 7.83 -4.39
CA GLU A 51 -17.69 7.54 -3.24
C GLU A 51 -18.35 6.16 -3.44
N ALA A 52 -18.26 5.30 -2.43
CA ALA A 52 -18.58 3.89 -2.58
C ALA A 52 -19.91 3.47 -1.98
N SER A 53 -20.59 4.42 -1.37
CA SER A 53 -21.87 4.20 -0.76
C SER A 53 -22.65 5.49 -0.96
N GLY A 54 -23.78 5.64 -0.29
CA GLY A 54 -24.57 6.85 -0.48
C GLY A 54 -24.98 7.00 -1.92
N LYS A 55 -24.84 8.20 -2.45
CA LYS A 55 -25.16 8.44 -3.87
C LYS A 55 -24.13 7.85 -4.85
N ARG A 56 -23.00 7.39 -4.31
CA ARG A 56 -22.02 6.68 -5.15
C ARG A 56 -21.57 7.52 -6.33
N LEU A 57 -21.29 8.79 -6.06
CA LEU A 57 -20.84 9.67 -7.14
C LEU A 57 -19.36 9.79 -7.21
N VAL A 58 -18.88 10.02 -8.41
CA VAL A 58 -17.48 10.49 -8.56
C VAL A 58 -17.48 11.95 -8.08
N ARG A 59 -16.77 12.19 -6.99
CA ARG A 59 -16.61 13.50 -6.34
C ARG A 59 -15.32 14.12 -6.86
N HIS A 60 -15.35 15.41 -7.12
CA HIS A 60 -14.19 16.04 -7.78
C HIS A 60 -14.00 17.50 -7.44
N GLU A 61 -12.71 17.89 -7.44
CA GLU A 61 -12.28 19.28 -7.33
C GLU A 61 -11.12 19.46 -8.32
N ALA A 62 -10.89 20.71 -8.72
CA ALA A 62 -9.87 21.03 -9.68
C ALA A 62 -9.69 22.54 -9.80
N ASN A 63 -8.52 22.93 -10.27
CA ASN A 63 -8.30 24.31 -10.73
C ASN A 63 -7.91 24.31 -12.21
N ASP A 64 -8.13 23.17 -12.87
CA ASP A 64 -7.84 23.02 -14.27
C ASP A 64 -8.87 22.04 -14.84
N GLU A 65 -9.67 22.52 -15.77
CA GLU A 65 -10.75 21.72 -16.30
C GLU A 65 -10.31 20.50 -17.11
N GLU A 66 -9.23 20.58 -17.89
CA GLU A 66 -8.73 19.39 -18.60
C GLU A 66 -8.39 18.33 -17.57
N LEU A 67 -7.68 18.71 -16.52
CA LEU A 67 -7.20 17.72 -15.52
C LEU A 67 -8.39 17.18 -14.72
N ARG A 68 -9.37 18.03 -14.46
CA ARG A 68 -10.57 17.58 -13.78
C ARG A 68 -11.19 16.45 -14.59
N ASN A 69 -11.37 16.68 -15.87
CA ASN A 69 -12.03 15.68 -16.75
C ASN A 69 -11.24 14.38 -16.93
N LEU A 70 -9.91 14.48 -16.94
CA LEU A 70 -9.03 13.30 -16.97
C LEU A 70 -9.25 12.48 -15.71
N ALA A 71 -9.25 13.15 -14.57
CA ALA A 71 -9.44 12.48 -13.30
C ALA A 71 -10.81 11.80 -13.25
N ILE A 72 -11.86 12.53 -13.59
CA ILE A 72 -13.21 11.99 -13.60
CA ILE A 72 -13.19 11.95 -13.53
C ILE A 72 -13.31 10.78 -14.51
N ASP A 73 -12.83 10.94 -15.74
CA ASP A 73 -12.93 9.87 -16.71
C ASP A 73 -12.21 8.62 -16.27
N LEU A 74 -11.06 8.74 -15.63
CA LEU A 74 -10.36 7.54 -15.21
C LEU A 74 -11.10 6.89 -14.05
N CYS A 75 -11.66 7.67 -13.13
CA CYS A 75 -12.51 7.10 -12.08
C CYS A 75 -13.70 6.31 -12.65
N LYS A 76 -14.32 6.86 -13.68
CA LYS A 76 -15.44 6.20 -14.36
C LYS A 76 -15.03 4.89 -15.01
N LYS A 77 -13.83 4.83 -15.56
CA LYS A 77 -13.35 3.64 -16.22
C LYS A 77 -12.92 2.59 -15.20
N ILE A 78 -12.21 2.99 -14.15
CA ILE A 78 -11.77 2.02 -13.13
C ILE A 78 -13.02 1.50 -12.42
N ALA A 79 -13.88 2.45 -12.06
CA ALA A 79 -15.20 2.19 -11.50
C ALA A 79 -15.14 1.26 -10.29
N ALA A 80 -14.24 1.59 -9.35
CA ALA A 80 -14.03 0.78 -8.16
C ALA A 80 -14.20 1.67 -6.94
N GLY A 81 -15.04 1.23 -6.02
CA GLY A 81 -15.31 1.98 -4.79
C GLY A 81 -14.05 2.43 -4.08
N HIS A 82 -13.99 3.72 -3.75
CA HIS A 82 -12.97 4.31 -2.88
C HIS A 82 -11.63 4.56 -3.54
N VAL A 83 -11.54 4.28 -4.82
CA VAL A 83 -10.39 4.72 -5.59
C VAL A 83 -10.40 6.24 -5.75
N PHE A 84 -9.20 6.85 -5.72
CA PHE A 84 -9.04 8.25 -6.14
C PHE A 84 -7.97 8.39 -7.22
N VAL A 85 -8.14 9.44 -8.04
CA VAL A 85 -7.25 9.77 -9.13
C VAL A 85 -6.90 11.22 -9.08
N ILE A 86 -5.62 11.49 -9.20
CA ILE A 86 -5.06 12.85 -9.23
C ILE A 86 -4.22 13.00 -10.47
N TYR A 87 -4.52 14.03 -11.27
CA TYR A 87 -3.65 14.49 -12.31
C TYR A 87 -3.09 15.84 -11.94
N ILE A 88 -1.79 16.01 -12.16
CA ILE A 88 -1.12 17.24 -11.81
C ILE A 88 -0.21 17.77 -12.93
N ARG A 89 -0.19 19.09 -13.04
CA ARG A 89 0.78 19.82 -13.85
C ARG A 89 1.47 20.83 -12.94
N ASN A 90 2.67 21.27 -13.32
CA ASN A 90 3.41 22.31 -12.57
C ASN A 90 3.84 21.87 -11.18
N ALA A 91 3.88 20.55 -11.01
CA ALA A 91 4.37 19.94 -9.81
C ALA A 91 4.67 18.49 -10.12
N TRP A 92 5.61 17.93 -9.39
CA TRP A 92 5.93 16.51 -9.47
C TRP A 92 5.29 15.72 -8.34
N PRO A 93 5.03 14.41 -8.56
CA PRO A 93 4.56 13.62 -7.43
C PRO A 93 5.41 13.72 -6.17
N ILE A 94 6.73 13.82 -6.27
CA ILE A 94 7.53 13.89 -5.04
C ILE A 94 7.23 15.18 -4.25
N ASN A 95 6.68 16.19 -4.93
CA ASN A 95 6.33 17.42 -4.27
C ASN A 95 5.10 17.30 -3.40
N VAL A 96 4.24 16.31 -3.67
CA VAL A 96 2.99 16.19 -2.95
C VAL A 96 2.74 14.86 -2.28
N LEU A 97 3.56 13.86 -2.57
CA LEU A 97 3.21 12.50 -2.11
C LEU A 97 3.16 12.32 -0.61
N ASN A 98 4.08 12.91 0.15
CA ASN A 98 4.05 12.66 1.58
C ASN A 98 2.82 13.30 2.20
N ALA A 99 2.40 14.44 1.66
CA ALA A 99 1.17 15.09 2.12
C ALA A 99 -0.01 14.17 1.88
N ILE A 100 -0.02 13.56 0.71
CA ILE A 100 -1.12 12.66 0.35
C ILE A 100 -1.11 11.44 1.27
N LYS A 101 0.05 10.81 1.46
CA LYS A 101 0.15 9.65 2.40
C LYS A 101 -0.42 9.91 3.78
N ASN A 102 -0.26 11.14 4.24
CA ASN A 102 -0.65 11.55 5.56
C ASN A 102 -2.08 12.09 5.69
N VAL A 103 -2.84 12.14 4.60
CA VAL A 103 -4.26 12.44 4.71
C VAL A 103 -4.91 11.25 5.42
N PRO A 104 -5.60 11.50 6.52
CA PRO A 104 -6.13 10.36 7.31
C PRO A 104 -7.07 9.41 6.54
N GLU A 105 -7.77 9.90 5.51
CA GLU A 105 -8.65 9.04 4.71
C GLU A 105 -7.86 8.11 3.79
N VAL A 106 -6.64 8.48 3.47
CA VAL A 106 -5.89 7.75 2.45
C VAL A 106 -5.35 6.47 3.04
N VAL A 107 -5.60 5.34 2.38
CA VAL A 107 -5.15 4.04 2.90
C VAL A 107 -4.01 3.45 2.12
N ARG A 108 -3.94 3.69 0.82
CA ARG A 108 -2.85 3.21 0.00
C ARG A 108 -2.72 4.02 -1.28
N ILE A 109 -1.52 3.99 -1.86
CA ILE A 109 -1.27 4.56 -3.17
C ILE A 109 -0.80 3.45 -4.12
N PHE A 110 -1.38 3.36 -5.30
CA PHE A 110 -1.03 2.30 -6.26
C PHE A 110 0.06 2.68 -7.22
N ALA A 111 0.11 3.94 -7.63
CA ALA A 111 1.02 4.42 -8.66
C ALA A 111 1.20 5.92 -8.49
N ALA A 112 2.41 6.39 -8.76
CA ALA A 112 2.66 7.81 -8.99
C ALA A 112 3.64 7.87 -10.17
N THR A 113 3.20 8.38 -11.34
CA THR A 113 3.97 8.14 -12.54
C THR A 113 3.50 8.97 -13.70
N ALA A 114 4.38 9.14 -14.71
CA ALA A 114 4.00 9.70 -15.99
C ALA A 114 4.30 8.70 -17.13
N ASN A 115 4.67 7.47 -16.77
CA ASN A 115 4.87 6.37 -17.72
C ASN A 115 3.58 5.82 -18.29
N PRO A 116 3.68 5.11 -19.45
CA PRO A 116 2.59 4.28 -19.90
C PRO A 116 2.14 3.45 -18.71
N LEU A 117 0.83 3.39 -18.47
CA LEU A 117 0.31 2.86 -17.19
C LEU A 117 -0.99 2.10 -17.44
N LYS A 118 -1.13 0.89 -16.88
CA LYS A 118 -2.40 0.15 -16.83
C LYS A 118 -2.81 -0.10 -15.41
N VAL A 119 -4.12 -0.14 -15.18
CA VAL A 119 -4.68 -0.51 -13.89
C VAL A 119 -5.39 -1.83 -14.09
N ILE A 120 -5.11 -2.78 -13.21
CA ILE A 120 -5.74 -4.06 -13.23
C ILE A 120 -6.88 -4.05 -12.25
N VAL A 121 -8.11 -4.26 -12.74
CA VAL A 121 -9.32 -4.21 -11.90
C VAL A 121 -9.97 -5.62 -11.89
N ALA A 122 -10.47 -6.02 -10.73
CA ALA A 122 -11.24 -7.24 -10.53
C ALA A 122 -12.68 -6.84 -10.34
N GLU A 123 -13.55 -7.46 -11.11
CA GLU A 123 -14.99 -7.38 -10.88
C GLU A 123 -15.44 -8.75 -10.40
N VAL A 124 -16.04 -8.77 -9.22
CA VAL A 124 -16.37 -9.97 -8.48
C VAL A 124 -17.88 -10.27 -8.52
N GLU A 125 -18.69 -9.22 -8.62
CA GLU A 125 -20.17 -9.29 -8.68
C GLU A 125 -20.59 -8.01 -9.40
N PRO A 126 -21.85 -7.88 -9.82
CA PRO A 126 -22.28 -6.64 -10.43
C PRO A 126 -21.99 -5.40 -9.57
N GLU A 127 -21.27 -4.46 -10.16
CA GLU A 127 -20.97 -3.18 -9.54
C GLU A 127 -20.13 -3.29 -8.27
N ARG A 128 -19.36 -4.39 -8.21
CA ARG A 128 -18.39 -4.62 -7.12
C ARG A 128 -17.01 -4.86 -7.72
N ARG A 129 -16.16 -3.83 -7.70
CA ARG A 129 -14.87 -3.83 -8.37
C ARG A 129 -13.79 -3.34 -7.43
N GLY A 130 -12.57 -3.85 -7.61
CA GLY A 130 -11.44 -3.40 -6.82
C GLY A 130 -10.16 -3.44 -7.62
N VAL A 131 -9.21 -2.64 -7.19
CA VAL A 131 -7.93 -2.60 -7.85
C VAL A 131 -7.01 -3.76 -7.39
N VAL A 132 -6.50 -4.51 -8.36
CA VAL A 132 -5.62 -5.65 -8.16
C VAL A 132 -4.18 -5.20 -8.25
N GLY A 133 -3.89 -4.24 -9.08
CA GLY A 133 -2.53 -3.75 -9.20
C GLY A 133 -2.40 -2.83 -10.37
N VAL A 134 -1.16 -2.45 -10.68
CA VAL A 134 -0.90 -1.61 -11.82
C VAL A 134 0.30 -2.16 -12.58
N VAL A 135 0.43 -1.67 -13.80
CA VAL A 135 1.61 -1.95 -14.60
C VAL A 135 2.19 -0.59 -14.97
N ASP A 136 3.24 -0.19 -14.25
CA ASP A 136 3.84 1.11 -14.34
C ASP A 136 5.06 1.00 -15.28
N GLY A 137 4.88 1.44 -16.52
CA GLY A 137 5.96 1.39 -17.52
C GLY A 137 6.34 -0.04 -17.88
N HIS A 138 7.60 -0.21 -18.25
CA HIS A 138 8.08 -1.42 -18.88
C HIS A 138 9.08 -2.16 -18.00
N SER A 139 9.19 -3.47 -18.25
CA SER A 139 10.12 -4.34 -17.59
C SER A 139 11.57 -3.91 -17.87
N PRO A 140 12.48 -4.25 -16.96
CA PRO A 140 13.86 -3.85 -17.16
C PRO A 140 14.53 -4.54 -18.36
N LEU A 141 15.35 -3.80 -19.05
CA LEU A 141 16.19 -4.33 -20.16
C LEU A 141 17.54 -4.89 -19.72
N GLY A 142 18.01 -4.47 -18.55
CA GLY A 142 19.26 -4.96 -18.06
C GLY A 142 19.60 -4.28 -16.77
N VAL A 143 20.87 -4.38 -16.38
CA VAL A 143 21.41 -3.85 -15.14
C VAL A 143 22.38 -2.72 -15.44
N GLU A 144 22.28 -1.59 -14.72
CA GLU A 144 23.16 -0.44 -14.97
C GLU A 144 24.63 -0.73 -14.59
N THR A 145 25.54 -0.05 -15.25
CA THR A 145 26.99 -0.21 -15.00
C THR A 145 27.41 0.89 -14.06
N GLU A 146 28.66 0.87 -13.65
CA GLU A 146 29.21 1.97 -12.82
C GLU A 146 29.19 3.30 -13.56
N LYS A 147 29.41 3.30 -14.86
CA LYS A 147 29.43 4.54 -15.58
C LYS A 147 27.99 5.04 -15.68
N ASP A 148 27.04 4.13 -15.80
CA ASP A 148 25.61 4.50 -15.79
C ASP A 148 25.27 5.12 -14.46
N ARG A 149 25.79 4.54 -13.40
CA ARG A 149 25.62 5.14 -12.06
C ARG A 149 26.17 6.58 -12.02
N GLU A 150 27.36 6.79 -12.56
CA GLU A 150 27.93 8.12 -12.58
C GLU A 150 27.06 9.08 -13.34
N GLU A 151 26.46 8.60 -14.43
CA GLU A 151 25.63 9.44 -15.24
C GLU A 151 24.39 9.90 -14.50
N ARG A 152 23.74 8.98 -13.77
CA ARG A 152 22.54 9.36 -13.05
C ARG A 152 22.85 10.19 -11.83
N LYS A 153 24.01 10.00 -11.22
CA LYS A 153 24.44 10.93 -10.18
C LYS A 153 24.61 12.33 -10.73
N LYS A 154 25.28 12.43 -11.87
CA LYS A 154 25.44 13.71 -12.52
C LYS A 154 24.11 14.36 -12.86
N PHE A 155 23.17 13.54 -13.31
CA PHE A 155 21.85 14.06 -13.66
C PHE A 155 21.24 14.73 -12.45
N LEU A 156 21.25 14.00 -11.33
CA LEU A 156 20.63 14.53 -10.10
C LEU A 156 21.33 15.78 -9.56
N ARG A 157 22.63 15.90 -9.81
CA ARG A 157 23.42 17.03 -9.30
C ARG A 157 23.50 18.22 -10.23
N GLU A 158 23.59 17.99 -11.54
CA GLU A 158 23.83 19.10 -12.48
C GLU A 158 22.59 19.50 -13.23
N VAL A 159 21.64 18.59 -13.43
CA VAL A 159 20.48 18.89 -14.27
C VAL A 159 19.30 19.30 -13.40
N VAL A 160 18.84 18.37 -12.54
CA VAL A 160 17.66 18.66 -11.67
C VAL A 160 18.07 19.22 -10.31
N LYS A 161 19.34 19.07 -9.96
CA LYS A 161 19.91 19.70 -8.79
C LYS A 161 19.20 19.29 -7.48
N TYR A 162 18.76 18.04 -7.43
CA TYR A 162 18.14 17.49 -6.22
C TYR A 162 19.13 16.96 -5.20
N LYS A 163 20.38 16.75 -5.62
CA LYS A 163 21.46 16.31 -4.76
C LYS A 163 22.67 17.22 -5.00
N LEU A 164 23.61 17.17 -4.07
CA LEU A 164 24.87 17.91 -4.15
C LEU A 164 26.02 16.95 -4.38
N SER B 2 -2.77 -24.14 -9.99
CA SER B 2 -1.62 -23.19 -9.80
C SER B 2 -2.00 -22.09 -8.78
N ILE B 3 -2.48 -20.96 -9.29
CA ILE B 3 -2.98 -19.88 -8.45
C ILE B 3 -4.50 -20.03 -8.45
N LYS B 4 -5.08 -20.10 -7.25
CA LYS B 4 -6.53 -20.08 -7.06
C LYS B 4 -6.86 -18.75 -6.42
N PHE B 5 -7.88 -18.10 -6.93
CA PHE B 5 -8.39 -16.87 -6.32
C PHE B 5 -9.65 -17.21 -5.52
N GLU B 6 -9.78 -16.68 -4.30
CA GLU B 6 -10.96 -16.85 -3.47
C GLU B 6 -11.45 -15.49 -3.02
N LEU B 7 -12.73 -15.40 -2.73
CA LEU B 7 -13.35 -14.17 -2.30
C LEU B 7 -13.87 -14.37 -0.89
N ILE B 8 -13.40 -13.52 0.02
CA ILE B 8 -13.79 -13.60 1.41
C ILE B 8 -14.71 -12.44 1.71
N ASP B 9 -15.90 -12.73 2.16
CA ASP B 9 -16.82 -11.66 2.54
C ASP B 9 -16.48 -11.20 3.95
N VAL B 10 -16.54 -9.90 4.19
CA VAL B 10 -16.18 -9.34 5.45
C VAL B 10 -17.40 -8.87 6.19
N PRO B 11 -17.75 -9.57 7.30
CA PRO B 11 -18.91 -9.09 8.08
C PRO B 11 -18.60 -7.77 8.78
N ILE B 12 -19.54 -6.83 8.74
CA ILE B 12 -19.37 -5.54 9.41
C ILE B 12 -20.67 -5.19 10.10
N PRO B 13 -20.79 -5.53 11.40
CA PRO B 13 -21.96 -5.14 12.18
C PRO B 13 -22.15 -3.63 12.17
N GLN B 14 -23.40 -3.17 12.20
CA GLN B 14 -23.65 -1.74 12.25
C GLN B 14 -22.95 -1.15 13.45
N GLY B 15 -22.28 -0.03 13.24
CA GLY B 15 -21.58 0.63 14.31
C GLY B 15 -20.10 0.31 14.30
N THR B 16 -19.69 -0.65 13.46
CA THR B 16 -18.26 -1.00 13.36
C THR B 16 -17.66 -0.50 12.05
N ASN B 17 -16.34 -0.35 12.08
CA ASN B 17 -15.52 -0.23 10.88
C ASN B 17 -14.45 -1.28 10.95
N VAL B 18 -13.91 -1.65 9.80
CA VAL B 18 -12.83 -2.63 9.76
C VAL B 18 -11.63 -2.01 9.04
N ILE B 19 -10.43 -2.40 9.49
CA ILE B 19 -9.20 -2.01 8.83
C ILE B 19 -8.43 -3.30 8.65
N ILE B 20 -8.00 -3.53 7.41
CA ILE B 20 -7.24 -4.73 7.05
C ILE B 20 -5.92 -4.34 6.43
N GLY B 21 -4.83 -4.96 6.87
CA GLY B 21 -3.53 -4.66 6.32
C GLY B 21 -2.56 -5.81 6.42
N GLN B 22 -1.33 -5.48 6.07
CA GLN B 22 -0.18 -6.38 6.11
C GLN B 22 0.91 -5.81 7.00
N ALA B 23 1.47 -6.67 7.84
CA ALA B 23 2.58 -6.29 8.71
C ALA B 23 3.62 -7.41 8.67
N HIS B 24 4.37 -7.50 9.74
CA HIS B 24 5.33 -8.55 9.98
C HIS B 24 5.78 -8.47 11.44
N PHE B 25 6.24 -9.58 12.00
CA PHE B 25 6.80 -9.66 13.35
C PHE B 25 5.71 -9.64 14.43
N ILE B 26 5.92 -10.44 15.46
CA ILE B 26 4.92 -10.69 16.46
C ILE B 26 4.52 -9.41 17.20
N LYS B 27 5.43 -8.44 17.28
CA LYS B 27 5.16 -7.21 18.04
C LYS B 27 4.05 -6.39 17.40
N THR B 28 3.70 -6.74 16.17
CA THR B 28 2.55 -6.10 15.50
C THR B 28 1.33 -6.00 16.44
N VAL B 29 0.98 -7.10 17.10
CA VAL B 29 -0.26 -7.15 17.85
C VAL B 29 -0.29 -6.13 19.00
N GLU B 30 0.82 -6.03 19.73
CA GLU B 30 0.96 -5.10 20.85
C GLU B 30 1.02 -3.68 20.33
N ASP B 31 1.78 -3.45 19.27
CA ASP B 31 1.87 -2.07 18.76
C ASP B 31 0.55 -1.56 18.19
N LEU B 32 -0.23 -2.42 17.57
CA LEU B 32 -1.55 -1.97 17.08
C LEU B 32 -2.51 -1.74 18.21
N TYR B 33 -2.49 -2.64 19.20
CA TYR B 33 -3.24 -2.41 20.45
C TYR B 33 -2.99 -1.00 20.99
N GLU B 34 -1.72 -0.65 21.15
CA GLU B 34 -1.36 0.65 21.72
C GLU B 34 -1.80 1.81 20.81
N ALA B 35 -1.62 1.63 19.50
CA ALA B 35 -2.03 2.64 18.54
C ALA B 35 -3.52 2.95 18.68
N LEU B 36 -4.32 1.91 18.92
CA LEU B 36 -5.76 2.11 19.02
C LEU B 36 -6.14 2.75 20.37
N VAL B 37 -5.66 2.20 21.46
CA VAL B 37 -6.08 2.63 22.77
C VAL B 37 -5.62 4.03 23.12
N THR B 38 -4.53 4.47 22.51
CA THR B 38 -3.99 5.80 22.80
C THR B 38 -4.50 6.89 21.85
N SER B 39 -5.39 6.48 20.93
CA SER B 39 -5.92 7.41 19.94
C SER B 39 -7.22 8.05 20.38
N VAL B 40 -8.13 7.29 21.00
CA VAL B 40 -9.47 7.78 21.30
C VAL B 40 -9.89 7.20 22.65
N PRO B 41 -10.21 8.05 23.65
CA PRO B 41 -10.68 7.46 24.89
C PRO B 41 -11.96 6.66 24.63
N GLY B 42 -12.06 5.47 25.15
CA GLY B 42 -13.39 4.81 24.99
C GLY B 42 -13.61 4.06 23.67
N VAL B 43 -12.58 4.05 22.83
CA VAL B 43 -12.59 3.20 21.64
C VAL B 43 -12.79 1.80 22.12
N LYS B 44 -13.55 1.01 21.38
CA LYS B 44 -13.66 -0.43 21.63
C LYS B 44 -13.08 -1.12 20.39
N PHE B 45 -12.28 -2.14 20.60
CA PHE B 45 -11.62 -2.77 19.47
C PHE B 45 -11.28 -4.23 19.69
N GLY B 46 -11.07 -4.90 18.56
CA GLY B 46 -10.38 -6.20 18.49
C GLY B 46 -9.37 -6.15 17.37
N ILE B 47 -8.21 -6.72 17.62
CA ILE B 47 -7.13 -6.80 16.67
C ILE B 47 -6.61 -8.24 16.59
N ALA B 48 -6.51 -8.77 15.37
CA ALA B 48 -5.92 -10.10 15.14
C ALA B 48 -4.86 -10.04 14.07
N PHE B 49 -3.85 -10.87 14.23
CA PHE B 49 -2.71 -10.90 13.32
C PHE B 49 -2.29 -12.32 13.01
N CYS B 50 -2.11 -12.63 11.73
CA CYS B 50 -1.64 -13.95 11.29
C CYS B 50 -0.12 -14.11 11.34
N GLU B 51 0.35 -14.63 12.45
CA GLU B 51 1.73 -15.03 12.57
C GLU B 51 1.98 -16.02 11.46
N ALA B 52 3.06 -15.81 10.72
CA ALA B 52 3.25 -16.49 9.44
C ALA B 52 4.34 -17.58 9.45
N SER B 53 4.94 -17.80 10.61
CA SER B 53 6.02 -18.80 10.79
C SER B 53 5.93 -19.30 12.23
N GLY B 54 6.79 -20.25 12.55
CA GLY B 54 6.77 -20.84 13.87
C GLY B 54 5.44 -21.52 14.16
N LYS B 55 4.82 -21.13 15.25
CA LYS B 55 3.52 -21.66 15.66
C LYS B 55 2.39 -21.29 14.71
N ARG B 56 2.57 -20.23 13.94
CA ARG B 56 1.56 -19.80 12.97
C ARG B 56 0.15 -19.62 13.62
N LEU B 57 0.13 -18.91 14.74
CA LEU B 57 -1.11 -18.68 15.46
C LEU B 57 -1.70 -17.34 15.10
N VAL B 58 -3.02 -17.27 14.97
CA VAL B 58 -3.70 -15.98 14.99
C VAL B 58 -3.54 -15.38 16.39
N ARG B 59 -2.79 -14.26 16.45
CA ARG B 59 -2.51 -13.53 17.66
C ARG B 59 -3.50 -12.42 17.78
N HIS B 60 -3.93 -12.13 19.02
CA HIS B 60 -5.00 -11.19 19.21
C HIS B 60 -4.96 -10.44 20.53
N GLU B 61 -5.51 -9.22 20.47
CA GLU B 61 -5.70 -8.35 21.63
C GLU B 61 -7.02 -7.60 21.42
N ALA B 62 -7.68 -7.24 22.51
CA ALA B 62 -8.96 -6.57 22.44
C ALA B 62 -9.40 -6.00 23.79
N ASN B 63 -10.32 -5.06 23.74
CA ASN B 63 -11.06 -4.64 24.95
C ASN B 63 -12.54 -4.87 24.79
N ASP B 64 -12.91 -5.72 23.83
CA ASP B 64 -14.30 -6.01 23.54
C ASP B 64 -14.36 -7.38 22.88
N GLU B 65 -15.13 -8.30 23.46
CA GLU B 65 -15.06 -9.68 23.02
C GLU B 65 -15.73 -9.92 21.69
N GLU B 66 -16.84 -9.22 21.44
CA GLU B 66 -17.46 -9.25 20.12
C GLU B 66 -16.44 -8.92 19.01
N LEU B 67 -15.74 -7.80 19.21
CA LEU B 67 -14.82 -7.30 18.17
C LEU B 67 -13.59 -8.19 18.07
N ARG B 68 -13.14 -8.74 19.19
CA ARG B 68 -12.04 -9.74 19.16
C ARG B 68 -12.38 -10.89 18.25
N ASN B 69 -13.58 -11.45 18.45
CA ASN B 69 -13.95 -12.65 17.70
C ASN B 69 -14.17 -12.33 16.23
N LEU B 70 -14.69 -11.14 15.93
CA LEU B 70 -14.80 -10.72 14.53
C LEU B 70 -13.41 -10.65 13.90
N ALA B 71 -12.46 -10.09 14.62
CA ALA B 71 -11.10 -9.94 14.10
C ALA B 71 -10.46 -11.32 13.91
N ILE B 72 -10.60 -12.18 14.91
CA ILE B 72 -10.02 -13.52 14.81
C ILE B 72 -10.65 -14.30 13.68
N ASP B 73 -11.98 -14.25 13.56
CA ASP B 73 -12.67 -15.02 12.53
C ASP B 73 -12.23 -14.60 11.14
N LEU B 74 -12.04 -13.29 10.92
CA LEU B 74 -11.66 -12.85 9.60
C LEU B 74 -10.24 -13.31 9.29
N CYS B 75 -9.37 -13.28 10.28
CA CYS B 75 -8.05 -13.79 10.06
C CYS B 75 -8.05 -15.26 9.71
N LYS B 76 -8.90 -16.03 10.38
CA LYS B 76 -9.01 -17.47 10.05
C LYS B 76 -9.49 -17.69 8.61
N LYS B 77 -10.39 -16.84 8.15
CA LYS B 77 -10.95 -16.96 6.81
C LYS B 77 -10.00 -16.46 5.74
N ILE B 78 -9.38 -15.30 5.97
CA ILE B 78 -8.41 -14.81 5.00
C ILE B 78 -7.23 -15.79 4.96
N ALA B 79 -6.78 -16.16 6.12
CA ALA B 79 -5.77 -17.20 6.30
C ALA B 79 -4.49 -16.94 5.49
N ALA B 80 -4.00 -15.70 5.54
CA ALA B 80 -2.83 -15.31 4.77
C ALA B 80 -1.78 -14.76 5.75
N GLY B 81 -0.54 -15.23 5.63
CA GLY B 81 0.52 -14.86 6.55
C GLY B 81 0.75 -13.36 6.60
N HIS B 82 0.86 -12.85 7.81
CA HIS B 82 1.20 -11.49 8.14
C HIS B 82 0.11 -10.48 7.86
N VAL B 83 -1.09 -10.94 7.52
CA VAL B 83 -2.24 -10.03 7.44
C VAL B 83 -2.75 -9.72 8.86
N PHE B 84 -3.20 -8.48 9.08
CA PHE B 84 -3.84 -8.07 10.30
C PHE B 84 -5.25 -7.53 10.01
N VAL B 85 -6.13 -7.72 11.00
CA VAL B 85 -7.50 -7.21 10.96
C VAL B 85 -7.82 -6.50 12.25
N ILE B 86 -8.49 -5.36 12.11
CA ILE B 86 -8.88 -4.53 13.23
C ILE B 86 -10.36 -4.20 13.08
N TYR B 87 -11.16 -4.48 14.10
CA TYR B 87 -12.52 -3.98 14.14
C TYR B 87 -12.64 -2.96 15.27
N ILE B 88 -13.27 -1.84 14.97
CA ILE B 88 -13.46 -0.76 15.93
C ILE B 88 -14.90 -0.27 16.05
N ARG B 89 -15.24 0.09 17.29
CA ARG B 89 -16.45 0.79 17.67
C ARG B 89 -16.05 2.05 18.41
N ASN B 90 -16.91 3.05 18.36
CA ASN B 90 -16.75 4.29 19.14
C ASN B 90 -15.55 5.10 18.68
N ALA B 91 -15.08 4.81 17.46
CA ALA B 91 -14.02 5.55 16.80
C ALA B 91 -14.18 5.29 15.32
N TRP B 92 -13.76 6.25 14.52
CA TRP B 92 -13.72 6.13 13.07
C TRP B 92 -12.31 5.84 12.59
N PRO B 93 -12.17 5.15 11.46
CA PRO B 93 -10.80 4.96 10.93
C PRO B 93 -9.97 6.24 10.84
N ILE B 94 -10.54 7.37 10.45
CA ILE B 94 -9.72 8.60 10.40
C ILE B 94 -9.10 8.99 11.75
N ASN B 95 -9.70 8.54 12.86
CA ASN B 95 -9.18 8.83 14.18
C ASN B 95 -7.91 8.05 14.48
N VAL B 96 -7.68 6.92 13.82
CA VAL B 96 -6.58 6.04 14.17
C VAL B 96 -5.60 5.74 13.03
N LEU B 97 -5.94 6.09 11.78
CA LEU B 97 -5.21 5.54 10.61
C LEU B 97 -3.77 5.98 10.58
N ASN B 98 -3.52 7.24 10.91
CA ASN B 98 -2.15 7.74 10.77
C ASN B 98 -1.29 7.06 11.82
N ALA B 99 -1.81 6.82 13.01
CA ALA B 99 -1.08 6.06 14.04
C ALA B 99 -0.74 4.67 13.51
N ILE B 100 -1.71 4.00 12.89
CA ILE B 100 -1.52 2.65 12.32
C ILE B 100 -0.46 2.67 11.21
N LYS B 101 -0.54 3.67 10.33
CA LYS B 101 0.45 3.82 9.25
C LYS B 101 1.88 3.90 9.76
N ASN B 102 2.04 4.51 10.92
CA ASN B 102 3.36 4.77 11.49
C ASN B 102 3.84 3.68 12.45
N VAL B 103 3.05 2.62 12.64
CA VAL B 103 3.55 1.47 13.37
C VAL B 103 4.66 0.84 12.51
N PRO B 104 5.89 0.67 13.08
CA PRO B 104 6.99 0.17 12.22
C PRO B 104 6.84 -1.21 11.61
N GLU B 105 6.01 -2.06 12.21
CA GLU B 105 5.69 -3.36 11.63
C GLU B 105 4.75 -3.30 10.44
N VAL B 106 3.91 -2.27 10.37
CA VAL B 106 2.90 -2.20 9.35
C VAL B 106 3.53 -1.84 8.04
N VAL B 107 3.24 -2.63 7.02
CA VAL B 107 3.80 -2.33 5.68
C VAL B 107 2.78 -1.80 4.71
N ARG B 108 1.53 -2.22 4.83
CA ARG B 108 0.50 -1.67 3.94
C ARG B 108 -0.90 -1.90 4.56
N ILE B 109 -1.84 -1.06 4.14
CA ILE B 109 -3.24 -1.14 4.54
C ILE B 109 -4.06 -1.34 3.28
N PHE B 110 -4.91 -2.37 3.27
CA PHE B 110 -5.70 -2.72 2.08
C PHE B 110 -7.03 -2.00 2.11
N ALA B 111 -7.60 -1.81 3.29
CA ALA B 111 -8.91 -1.21 3.40
C ALA B 111 -9.16 -0.62 4.77
N ALA B 112 -9.95 0.45 4.79
CA ALA B 112 -10.54 0.99 5.99
C ALA B 112 -11.94 1.45 5.65
N THR B 113 -12.94 0.80 6.23
CA THR B 113 -14.32 1.02 5.71
C THR B 113 -15.37 0.40 6.60
N ALA B 114 -16.62 0.86 6.40
CA ALA B 114 -17.79 0.20 6.95
C ALA B 114 -18.74 -0.28 5.81
N ASN B 115 -18.31 -0.15 4.56
CA ASN B 115 -19.08 -0.62 3.41
C ASN B 115 -19.02 -2.11 3.28
N PRO B 116 -19.97 -2.68 2.49
CA PRO B 116 -19.80 -4.02 2.02
C PRO B 116 -18.39 -4.18 1.49
N LEU B 117 -17.74 -5.28 1.87
CA LEU B 117 -16.32 -5.45 1.59
C LEU B 117 -15.97 -6.91 1.32
N LYS B 118 -15.23 -7.17 0.24
CA LYS B 118 -14.70 -8.50 -0.06
C LYS B 118 -13.20 -8.39 -0.09
N VAL B 119 -12.52 -9.46 0.31
CA VAL B 119 -11.08 -9.55 0.22
C VAL B 119 -10.80 -10.61 -0.82
N ILE B 120 -9.91 -10.30 -1.75
CA ILE B 120 -9.53 -11.25 -2.80
C ILE B 120 -8.22 -11.88 -2.34
N VAL B 121 -8.22 -13.20 -2.19
CA VAL B 121 -7.06 -13.93 -1.69
C VAL B 121 -6.58 -14.89 -2.77
N ALA B 122 -5.26 -14.91 -3.01
CA ALA B 122 -4.64 -15.89 -3.88
C ALA B 122 -4.08 -17.01 -3.04
N GLU B 123 -4.38 -18.25 -3.43
CA GLU B 123 -3.77 -19.44 -2.83
C GLU B 123 -2.87 -20.04 -3.92
N VAL B 124 -1.57 -20.09 -3.67
CA VAL B 124 -0.60 -20.47 -4.70
C VAL B 124 -0.16 -21.89 -4.51
N GLU B 125 -0.35 -22.38 -3.30
CA GLU B 125 -0.19 -23.78 -3.00
C GLU B 125 -0.82 -23.99 -1.62
N PRO B 126 -1.01 -25.25 -1.22
CA PRO B 126 -1.60 -25.42 0.10
C PRO B 126 -0.84 -24.63 1.18
N GLU B 127 -1.61 -23.94 2.01
CA GLU B 127 -1.12 -23.19 3.18
C GLU B 127 -0.30 -21.95 2.84
N ARG B 128 -0.34 -21.56 1.56
CA ARG B 128 0.40 -20.39 1.09
C ARG B 128 -0.55 -19.42 0.38
N ARG B 129 -0.94 -18.38 1.12
CA ARG B 129 -1.94 -17.46 0.66
C ARG B 129 -1.46 -16.03 0.85
N GLY B 130 -1.96 -15.17 -0.02
CA GLY B 130 -1.68 -13.73 0.00
C GLY B 130 -2.90 -12.94 -0.42
N VAL B 131 -3.00 -11.72 0.09
CA VAL B 131 -4.06 -10.79 -0.32
C VAL B 131 -3.72 -10.08 -1.62
N VAL B 132 -4.61 -10.18 -2.59
CA VAL B 132 -4.43 -9.57 -3.88
C VAL B 132 -5.06 -8.17 -3.91
N GLY B 133 -6.21 -8.03 -3.28
CA GLY B 133 -6.90 -6.77 -3.29
C GLY B 133 -8.17 -6.86 -2.50
N VAL B 134 -8.96 -5.80 -2.57
CA VAL B 134 -10.24 -5.74 -1.89
C VAL B 134 -11.26 -5.09 -2.82
N VAL B 135 -12.53 -5.28 -2.48
CA VAL B 135 -13.63 -4.66 -3.19
C VAL B 135 -14.44 -3.92 -2.16
N ASP B 136 -14.23 -2.60 -2.09
CA ASP B 136 -14.72 -1.75 -1.03
C ASP B 136 -15.94 -1.03 -1.56
N GLY B 137 -17.13 -1.47 -1.15
CA GLY B 137 -18.35 -0.82 -1.63
C GLY B 137 -18.52 -1.06 -3.13
N HIS B 138 -19.22 -0.11 -3.76
CA HIS B 138 -19.80 -0.30 -5.07
C HIS B 138 -19.29 0.73 -6.04
N SER B 139 -19.40 0.38 -7.34
CA SER B 139 -18.97 1.23 -8.42
C SER B 139 -19.82 2.52 -8.50
N PRO B 140 -19.26 3.58 -9.07
CA PRO B 140 -20.01 4.82 -9.10
C PRO B 140 -21.22 4.77 -10.02
N LEU B 141 -22.26 5.50 -9.60
CA LEU B 141 -23.52 5.63 -10.36
C LEU B 141 -23.54 6.87 -11.26
N GLY B 142 -22.66 7.82 -10.98
CA GLY B 142 -22.62 9.03 -11.76
C GLY B 142 -21.53 9.97 -11.30
N VAL B 143 -21.56 11.17 -11.85
CA VAL B 143 -20.55 12.19 -11.56
C VAL B 143 -21.24 13.35 -10.82
N GLU B 144 -20.59 13.85 -9.78
CA GLU B 144 -21.07 14.91 -8.90
C GLU B 144 -21.42 16.15 -9.70
N THR B 145 -22.63 16.68 -9.45
CA THR B 145 -23.01 17.96 -10.03
C THR B 145 -22.65 19.06 -9.05
N GLU B 146 -22.76 20.32 -9.50
CA GLU B 146 -22.59 21.45 -8.59
C GLU B 146 -23.54 21.36 -7.41
N LYS B 147 -24.78 20.96 -7.67
CA LYS B 147 -25.76 20.81 -6.58
C LYS B 147 -25.35 19.72 -5.56
N ASP B 148 -24.88 18.60 -6.08
CA ASP B 148 -24.38 17.54 -5.24
C ASP B 148 -23.17 18.02 -4.47
N ARG B 149 -22.30 18.78 -5.10
CA ARG B 149 -21.13 19.33 -4.36
C ARG B 149 -21.56 20.24 -3.18
N GLU B 150 -22.53 21.11 -3.38
CA GLU B 150 -23.06 21.89 -2.30
C GLU B 150 -23.60 21.03 -1.17
N GLU B 151 -24.28 19.93 -1.50
CA GLU B 151 -24.79 19.07 -0.44
C GLU B 151 -23.63 18.37 0.30
N ARG B 152 -22.60 17.95 -0.41
CA ARG B 152 -21.43 17.31 0.24
C ARG B 152 -20.72 18.30 1.19
N LYS B 153 -20.58 19.53 0.71
CA LYS B 153 -19.95 20.58 1.51
C LYS B 153 -20.74 20.86 2.76
N LYS B 154 -22.08 20.95 2.62
CA LYS B 154 -22.95 21.16 3.76
C LYS B 154 -22.85 20.03 4.76
N PHE B 155 -22.79 18.80 4.29
CA PHE B 155 -22.68 17.64 5.16
C PHE B 155 -21.43 17.79 5.98
N LEU B 156 -20.31 18.13 5.32
CA LEU B 156 -19.06 18.24 6.10
C LEU B 156 -19.00 19.38 7.07
N ARG B 157 -19.78 20.43 6.83
CA ARG B 157 -19.74 21.63 7.67
C ARG B 157 -20.81 21.68 8.75
N GLU B 158 -22.02 21.24 8.39
CA GLU B 158 -23.17 21.35 9.28
C GLU B 158 -23.51 20.07 10.00
N VAL B 159 -23.22 18.91 9.42
CA VAL B 159 -23.56 17.65 10.05
C VAL B 159 -22.44 17.08 10.87
N VAL B 160 -21.33 16.72 10.21
CA VAL B 160 -20.22 16.15 10.96
C VAL B 160 -19.22 17.19 11.48
N LYS B 161 -19.29 18.42 10.97
CA LYS B 161 -18.55 19.58 11.47
C LYS B 161 -17.05 19.38 11.35
N TYR B 162 -16.63 18.63 10.33
CA TYR B 162 -15.19 18.41 10.07
C TYR B 162 -14.53 19.52 9.24
N LYS B 163 -15.36 20.36 8.61
CA LYS B 163 -14.90 21.50 7.85
C LYS B 163 -15.67 22.72 8.32
N LEU B 164 -15.09 23.91 8.10
CA LEU B 164 -15.78 25.18 8.38
C LEU B 164 -16.25 25.83 7.09
N ILE C 3 -4.25 -11.49 -19.61
CA ILE C 3 -3.46 -11.43 -18.34
C ILE C 3 -2.97 -12.80 -17.87
N LYS C 4 -1.64 -12.95 -17.72
CA LYS C 4 -1.01 -14.16 -17.16
C LYS C 4 -0.46 -13.84 -15.76
N PHE C 5 -0.51 -14.80 -14.84
CA PHE C 5 0.08 -14.61 -13.51
C PHE C 5 1.30 -15.51 -13.39
N GLU C 6 2.33 -15.00 -12.73
CA GLU C 6 3.56 -15.74 -12.50
C GLU C 6 3.92 -15.65 -11.02
N LEU C 7 4.51 -16.71 -10.48
CA LEU C 7 4.99 -16.72 -9.10
C LEU C 7 6.50 -16.66 -9.08
N ILE C 8 7.03 -15.69 -8.32
CA ILE C 8 8.46 -15.51 -8.17
C ILE C 8 8.84 -15.87 -6.74
N ASP C 9 9.68 -16.88 -6.60
CA ASP C 9 10.20 -17.26 -5.29
C ASP C 9 11.29 -16.29 -4.88
N VAL C 10 11.30 -15.90 -3.61
CA VAL C 10 12.29 -14.93 -3.15
C VAL C 10 13.30 -15.59 -2.24
N PRO C 11 14.57 -15.66 -2.67
CA PRO C 11 15.57 -16.23 -1.76
C PRO C 11 15.89 -15.32 -0.59
N ILE C 12 15.98 -15.88 0.60
CA ILE C 12 16.32 -15.09 1.77
C ILE C 12 17.39 -15.81 2.57
N PRO C 13 18.66 -15.41 2.37
CA PRO C 13 19.70 -16.08 3.13
C PRO C 13 19.54 -15.86 4.64
N GLN C 14 20.03 -16.82 5.41
CA GLN C 14 19.94 -16.72 6.85
C GLN C 14 20.58 -15.42 7.31
N GLY C 15 19.95 -14.68 8.20
CA GLY C 15 20.52 -13.42 8.69
C GLY C 15 20.07 -12.20 7.91
N THR C 16 19.33 -12.41 6.84
CA THR C 16 18.81 -11.28 6.05
C THR C 16 17.31 -11.16 6.14
N ASN C 17 16.85 -9.94 5.81
CA ASN C 17 15.45 -9.64 5.54
C ASN C 17 15.35 -8.96 4.21
N VAL C 18 14.20 -9.11 3.58
CA VAL C 18 13.91 -8.45 2.32
C VAL C 18 12.73 -7.49 2.53
N ILE C 19 12.80 -6.40 1.79
CA ILE C 19 11.73 -5.40 1.74
C ILE C 19 11.51 -5.14 0.26
N ILE C 20 10.24 -5.26 -0.18
CA ILE C 20 9.88 -5.14 -1.61
C ILE C 20 8.76 -4.15 -1.69
N GLY C 21 8.92 -3.19 -2.60
CA GLY C 21 7.88 -2.19 -2.85
C GLY C 21 7.90 -1.55 -4.20
N GLN C 22 7.16 -0.46 -4.31
CA GLN C 22 7.07 0.27 -5.56
C GLN C 22 7.31 1.75 -5.33
N ALA C 23 7.99 2.36 -6.30
CA ALA C 23 8.38 3.76 -6.18
C ALA C 23 8.22 4.37 -7.57
N HIS C 24 8.98 5.41 -7.86
CA HIS C 24 9.03 6.08 -9.16
C HIS C 24 10.22 7.05 -9.10
N PHE C 25 10.82 7.32 -10.26
CA PHE C 25 11.87 8.33 -10.42
C PHE C 25 13.23 7.80 -9.97
N ILE C 26 14.24 8.11 -10.76
CA ILE C 26 15.57 7.57 -10.53
C ILE C 26 16.15 7.85 -9.15
N LYS C 27 15.75 8.96 -8.53
CA LYS C 27 16.29 9.35 -7.21
C LYS C 27 15.88 8.40 -6.11
N THR C 28 14.89 7.56 -6.36
CA THR C 28 14.57 6.45 -5.48
C THR C 28 15.78 5.74 -4.88
N VAL C 29 16.72 5.37 -5.75
CA VAL C 29 17.85 4.57 -5.27
C VAL C 29 18.77 5.32 -4.31
N GLU C 30 19.04 6.60 -4.57
CA GLU C 30 19.84 7.41 -3.65
C GLU C 30 19.11 7.66 -2.36
N ASP C 31 17.83 7.95 -2.44
CA ASP C 31 17.08 8.24 -1.22
C ASP C 31 16.94 7.02 -0.33
N LEU C 32 16.75 5.82 -0.92
CA LEU C 32 16.70 4.57 -0.16
C LEU C 32 18.05 4.22 0.46
N TYR C 33 19.13 4.45 -0.27
CA TYR C 33 20.49 4.32 0.28
C TYR C 33 20.61 5.15 1.57
N GLU C 34 20.22 6.42 1.46
CA GLU C 34 20.38 7.32 2.60
C GLU C 34 19.47 6.88 3.74
N ALA C 35 18.26 6.45 3.41
CA ALA C 35 17.35 6.03 4.46
C ALA C 35 17.96 4.92 5.29
N LEU C 36 18.61 3.99 4.63
CA LEU C 36 19.19 2.86 5.33
C LEU C 36 20.43 3.23 6.10
N VAL C 37 21.38 3.86 5.42
CA VAL C 37 22.69 4.11 6.06
C VAL C 37 22.58 5.06 7.25
N THR C 38 21.57 5.95 7.23
CA THR C 38 21.41 6.90 8.34
C THR C 38 20.48 6.39 9.45
N SER C 39 20.01 5.15 9.30
CA SER C 39 19.12 4.57 10.28
C SER C 39 19.85 3.74 11.32
N VAL C 40 20.81 2.94 10.86
CA VAL C 40 21.49 1.98 11.75
C VAL C 40 22.98 1.96 11.42
N PRO C 41 23.82 2.30 12.39
CA PRO C 41 25.27 2.21 12.10
C PRO C 41 25.63 0.78 11.78
N GLY C 42 26.38 0.56 10.73
CA GLY C 42 26.80 -0.80 10.46
C GLY C 42 25.75 -1.68 9.78
N VAL C 43 24.60 -1.11 9.39
CA VAL C 43 23.70 -1.86 8.52
C VAL C 43 24.46 -2.23 7.24
N LYS C 44 24.18 -3.43 6.74
CA LYS C 44 24.66 -3.94 5.45
C LYS C 44 23.48 -4.12 4.54
N PHE C 45 23.58 -3.64 3.30
CA PHE C 45 22.43 -3.70 2.41
C PHE C 45 22.75 -3.73 0.92
N GLY C 46 21.76 -4.17 0.16
CA GLY C 46 21.74 -4.01 -1.27
C GLY C 46 20.36 -3.46 -1.64
N ILE C 47 20.33 -2.46 -2.51
CA ILE C 47 19.09 -1.90 -3.02
C ILE C 47 19.09 -1.97 -4.54
N ALA C 48 17.99 -2.40 -5.13
CA ALA C 48 17.84 -2.33 -6.59
C ALA C 48 16.44 -1.82 -6.94
N PHE C 49 16.38 -1.03 -8.00
CA PHE C 49 15.17 -0.35 -8.43
C PHE C 49 14.99 -0.46 -9.95
N CYS C 50 13.78 -0.84 -10.40
CA CYS C 50 13.48 -0.99 -11.82
C CYS C 50 13.05 0.31 -12.48
N GLU C 51 13.99 1.02 -13.07
CA GLU C 51 13.67 2.12 -13.95
C GLU C 51 12.77 1.57 -15.03
N ALA C 52 11.65 2.25 -15.29
CA ALA C 52 10.57 1.68 -16.10
C ALA C 52 10.38 2.39 -17.44
N SER C 53 11.24 3.35 -17.75
CA SER C 53 11.28 4.04 -19.04
C SER C 53 12.72 4.34 -19.37
N GLY C 54 12.93 4.97 -20.52
CA GLY C 54 14.29 5.34 -20.97
C GLY C 54 15.12 4.11 -21.18
N LYS C 55 16.27 4.05 -20.53
CA LYS C 55 17.11 2.85 -20.66
C LYS C 55 16.57 1.60 -19.99
N ARG C 56 15.61 1.75 -19.07
CA ARG C 56 14.98 0.62 -18.41
C ARG C 56 16.02 -0.27 -17.73
N LEU C 57 16.95 0.37 -17.03
CA LEU C 57 18.03 -0.33 -16.31
C LEU C 57 17.71 -0.49 -14.84
N VAL C 58 18.05 -1.65 -14.33
CA VAL C 58 18.03 -1.84 -12.89
C VAL C 58 19.11 -0.99 -12.25
N ARG C 59 18.67 -0.10 -11.34
CA ARG C 59 19.55 0.85 -10.70
C ARG C 59 19.84 0.35 -9.32
N HIS C 60 21.09 0.43 -8.88
CA HIS C 60 21.43 -0.19 -7.63
C HIS C 60 22.50 0.52 -6.81
N GLU C 61 22.37 0.39 -5.48
CA GLU C 61 23.32 0.92 -4.50
C GLU C 61 23.51 -0.17 -3.46
N ALA C 62 24.70 -0.26 -2.88
CA ALA C 62 24.96 -1.30 -1.88
C ALA C 62 26.22 -1.02 -1.10
N ASN C 63 26.32 -1.56 0.13
CA ASN C 63 27.62 -1.63 0.83
C ASN C 63 28.00 -3.08 1.12
N ASP C 64 27.26 -4.00 0.49
CA ASP C 64 27.49 -5.43 0.58
C ASP C 64 27.22 -6.05 -0.79
N GLU C 65 28.22 -6.70 -1.39
CA GLU C 65 28.04 -7.22 -2.75
C GLU C 65 27.10 -8.40 -2.86
N GLU C 66 27.07 -9.29 -1.87
CA GLU C 66 26.13 -10.39 -1.88
C GLU C 66 24.72 -9.81 -1.95
N LEU C 67 24.45 -8.84 -1.11
CA LEU C 67 23.11 -8.27 -1.02
C LEU C 67 22.77 -7.44 -2.24
N ARG C 68 23.75 -6.75 -2.78
CA ARG C 68 23.54 -6.04 -4.05
C ARG C 68 23.02 -6.97 -5.09
N ASN C 69 23.72 -8.08 -5.26
CA ASN C 69 23.38 -8.99 -6.34
C ASN C 69 22.08 -9.77 -6.11
N LEU C 70 21.77 -10.06 -4.85
CA LEU C 70 20.46 -10.63 -4.55
C LEU C 70 19.37 -9.66 -4.97
N ALA C 71 19.57 -8.38 -4.69
CA ALA C 71 18.52 -7.39 -4.96
C ALA C 71 18.38 -7.21 -6.47
N ILE C 72 19.51 -7.15 -7.16
CA ILE C 72 19.47 -7.08 -8.61
C ILE C 72 18.78 -8.28 -9.25
N ASP C 73 19.16 -9.48 -8.84
CA ASP C 73 18.54 -10.72 -9.33
C ASP C 73 17.02 -10.69 -9.19
N LEU C 74 16.53 -10.29 -8.02
CA LEU C 74 15.10 -10.38 -7.75
C LEU C 74 14.36 -9.37 -8.60
N CYS C 75 14.95 -8.19 -8.76
CA CYS C 75 14.38 -7.18 -9.66
C CYS C 75 14.22 -7.73 -11.06
N LYS C 76 15.26 -8.42 -11.54
CA LYS C 76 15.17 -9.03 -12.87
C LYS C 76 14.13 -10.13 -12.99
N LYS C 77 13.95 -10.91 -11.91
CA LYS C 77 12.99 -11.99 -11.92
C LYS C 77 11.58 -11.42 -11.86
N ILE C 78 11.35 -10.45 -10.98
CA ILE C 78 10.02 -9.84 -10.90
C ILE C 78 9.73 -9.14 -12.21
N ALA C 79 10.69 -8.34 -12.67
CA ALA C 79 10.68 -7.67 -13.97
C ALA C 79 9.44 -6.75 -14.16
N ALA C 80 9.13 -5.99 -13.11
CA ALA C 80 8.01 -5.06 -13.11
C ALA C 80 8.51 -3.64 -12.92
N GLY C 81 8.05 -2.75 -13.77
CA GLY C 81 8.48 -1.34 -13.74
C GLY C 81 8.22 -0.74 -12.37
N HIS C 82 9.21 0.00 -11.90
CA HIS C 82 9.18 0.78 -10.67
C HIS C 82 9.15 0.01 -9.36
N VAL C 83 9.35 -1.30 -9.42
CA VAL C 83 9.56 -2.12 -8.25
C VAL C 83 10.96 -1.90 -7.69
N PHE C 84 11.05 -1.82 -6.36
CA PHE C 84 12.36 -1.87 -5.69
C PHE C 84 12.44 -3.04 -4.75
N VAL C 85 13.68 -3.49 -4.55
CA VAL C 85 14.00 -4.55 -3.60
C VAL C 85 15.19 -4.08 -2.76
N ILE C 86 15.09 -4.33 -1.46
CA ILE C 86 16.11 -4.12 -0.48
C ILE C 86 16.37 -5.40 0.30
N TYR C 87 17.63 -5.85 0.35
CA TYR C 87 18.04 -6.87 1.29
C TYR C 87 18.92 -6.20 2.37
N ILE C 88 18.67 -6.57 3.62
CA ILE C 88 19.40 -6.02 4.74
C ILE C 88 19.94 -7.08 5.70
N ARG C 89 21.10 -6.76 6.25
CA ARG C 89 21.77 -7.50 7.32
C ARG C 89 22.16 -6.51 8.43
N ASN C 90 22.26 -7.01 9.66
CA ASN C 90 22.66 -6.23 10.83
C ASN C 90 21.64 -5.13 11.20
N ALA C 91 20.45 -5.24 10.62
CA ALA C 91 19.31 -4.40 10.95
C ALA C 91 18.05 -5.21 10.69
N TRP C 92 16.96 -4.82 11.37
CA TRP C 92 15.65 -5.39 11.16
C TRP C 92 14.82 -4.39 10.38
N PRO C 93 13.86 -4.91 9.60
CA PRO C 93 12.95 -3.98 8.96
C PRO C 93 12.35 -2.92 9.87
N ILE C 94 11.99 -3.25 11.12
CA ILE C 94 11.36 -2.22 11.95
C ILE C 94 12.30 -1.05 12.22
N ASN C 95 13.62 -1.27 12.06
CA ASN C 95 14.60 -0.20 12.30
C ASN C 95 14.60 0.85 11.19
N VAL C 96 14.14 0.44 10.01
CA VAL C 96 14.22 1.28 8.83
C VAL C 96 12.89 1.57 8.11
N LEU C 97 11.82 0.86 8.44
CA LEU C 97 10.60 0.94 7.59
C LEU C 97 9.95 2.30 7.56
N ASN C 98 9.93 3.02 8.69
CA ASN C 98 9.28 4.32 8.68
C ASN C 98 10.06 5.30 7.84
N ALA C 99 11.39 5.21 7.88
CA ALA C 99 12.21 6.06 6.99
C ALA C 99 11.90 5.76 5.52
N ILE C 100 11.75 4.48 5.18
CA ILE C 100 11.46 4.07 3.83
C ILE C 100 10.06 4.58 3.40
N LYS C 101 9.06 4.43 4.27
CA LYS C 101 7.69 4.89 3.98
C LYS C 101 7.68 6.38 3.64
N ASN C 102 8.55 7.14 4.28
CA ASN C 102 8.57 8.57 4.15
C ASN C 102 9.50 9.09 3.04
N VAL C 103 10.16 8.22 2.30
CA VAL C 103 10.89 8.65 1.11
C VAL C 103 9.89 9.09 0.09
N PRO C 104 10.01 10.32 -0.41
CA PRO C 104 8.91 10.81 -1.30
C PRO C 104 8.66 10.03 -2.59
N GLU C 105 9.66 9.31 -3.09
CA GLU C 105 9.48 8.49 -4.28
C GLU C 105 8.70 7.21 -3.99
N VAL C 106 8.75 6.74 -2.74
CA VAL C 106 8.12 5.47 -2.40
C VAL C 106 6.60 5.62 -2.36
N VAL C 107 5.91 4.73 -3.07
CA VAL C 107 4.46 4.76 -3.22
C VAL C 107 3.80 3.68 -2.36
N ARG C 108 4.44 2.53 -2.22
CA ARG C 108 3.84 1.40 -1.50
C ARG C 108 4.86 0.36 -1.16
N ILE C 109 4.63 -0.37 -0.07
CA ILE C 109 5.51 -1.50 0.30
C ILE C 109 4.67 -2.77 0.31
N PHE C 110 5.15 -3.82 -0.35
CA PHE C 110 4.41 -5.08 -0.48
C PHE C 110 4.74 -6.05 0.64
N ALA C 111 6.00 -6.06 1.11
CA ALA C 111 6.46 -7.08 2.07
C ALA C 111 7.69 -6.60 2.81
N ALA C 112 7.79 -6.97 4.08
CA ALA C 112 9.04 -6.86 4.85
C ALA C 112 9.12 -8.11 5.68
N THR C 113 10.10 -8.98 5.42
CA THR C 113 10.08 -10.30 6.04
C THR C 113 11.35 -11.08 5.81
N ALA C 114 11.54 -12.10 6.64
CA ALA C 114 12.51 -13.17 6.36
C ALA C 114 11.84 -14.52 6.15
N ASN C 115 10.51 -14.54 6.07
CA ASN C 115 9.79 -15.83 5.86
C ASN C 115 9.94 -16.29 4.45
N PRO C 116 9.69 -17.58 4.20
CA PRO C 116 9.54 -17.98 2.83
C PRO C 116 8.52 -17.05 2.19
N LEU C 117 8.80 -16.63 0.97
CA LEU C 117 8.06 -15.52 0.32
C LEU C 117 7.94 -15.75 -1.17
N LYS C 118 6.76 -15.50 -1.71
CA LYS C 118 6.55 -15.49 -3.14
C LYS C 118 5.97 -14.13 -3.52
N VAL C 119 6.38 -13.63 -4.68
CA VAL C 119 5.74 -12.46 -5.29
C VAL C 119 4.86 -12.91 -6.43
N ILE C 120 3.61 -12.42 -6.45
CA ILE C 120 2.68 -12.71 -7.54
C ILE C 120 2.75 -11.55 -8.51
N VAL C 121 3.08 -11.87 -9.77
CA VAL C 121 3.26 -10.85 -10.79
C VAL C 121 2.24 -11.09 -11.90
N ALA C 122 1.59 -10.01 -12.37
CA ALA C 122 0.76 -10.07 -13.56
C ALA C 122 1.51 -9.56 -14.78
N GLU C 123 1.51 -10.34 -15.85
CA GLU C 123 2.00 -9.87 -17.14
C GLU C 123 0.80 -9.71 -18.03
N VAL C 124 0.60 -8.49 -18.53
CA VAL C 124 -0.60 -8.16 -19.29
C VAL C 124 -0.32 -8.15 -20.78
N GLU C 125 0.97 -8.15 -21.11
CA GLU C 125 1.47 -7.90 -22.44
C GLU C 125 2.98 -8.09 -22.31
N PRO C 126 3.67 -8.43 -23.41
CA PRO C 126 5.08 -8.66 -23.15
C PRO C 126 5.75 -7.37 -22.67
N GLU C 127 6.65 -7.50 -21.69
CA GLU C 127 7.40 -6.40 -21.09
C GLU C 127 6.54 -5.43 -20.25
N ARG C 128 5.29 -5.79 -19.98
CA ARG C 128 4.42 -4.95 -19.17
C ARG C 128 3.93 -5.80 -18.02
N ARG C 129 4.55 -5.64 -16.84
CA ARG C 129 4.27 -6.45 -15.67
C ARG C 129 4.08 -5.57 -14.43
N GLY C 130 3.33 -6.10 -13.46
CA GLY C 130 3.11 -5.42 -12.20
C GLY C 130 2.90 -6.42 -11.09
N VAL C 131 3.18 -6.00 -9.86
CA VAL C 131 2.99 -6.84 -8.72
C VAL C 131 1.53 -6.85 -8.27
N VAL C 132 0.96 -8.02 -8.12
CA VAL C 132 -0.42 -8.13 -7.64
C VAL C 132 -0.56 -8.66 -6.24
N GLY C 133 0.55 -8.99 -5.58
CA GLY C 133 0.50 -9.38 -4.21
C GLY C 133 1.72 -10.18 -3.82
N VAL C 134 1.77 -10.58 -2.56
CA VAL C 134 2.84 -11.44 -2.09
C VAL C 134 2.21 -12.54 -1.25
N VAL C 135 2.97 -13.59 -1.05
CA VAL C 135 2.59 -14.64 -0.13
C VAL C 135 3.71 -14.70 0.89
N ASP C 136 3.47 -14.16 2.08
CA ASP C 136 4.47 -13.99 3.12
C ASP C 136 4.28 -15.09 4.16
N GLY C 137 5.13 -16.11 4.10
CA GLY C 137 5.01 -17.25 4.97
C GLY C 137 3.75 -18.08 4.76
N HIS C 138 3.28 -18.69 5.85
CA HIS C 138 2.22 -19.66 5.79
C HIS C 138 0.97 -19.24 6.53
N SER C 139 -0.12 -19.91 6.18
CA SER C 139 -1.43 -19.65 6.77
C SER C 139 -1.49 -20.09 8.25
N PRO C 140 -2.44 -19.54 8.99
CA PRO C 140 -2.55 -19.90 10.40
C PRO C 140 -2.86 -21.38 10.67
N LEU C 141 -2.24 -21.91 11.71
CA LEU C 141 -2.52 -23.28 12.15
C LEU C 141 -3.61 -23.34 13.24
N GLY C 142 -3.89 -22.21 13.87
CA GLY C 142 -4.90 -22.12 14.90
C GLY C 142 -4.88 -20.75 15.57
N VAL C 143 -5.60 -20.62 16.68
CA VAL C 143 -5.70 -19.37 17.43
C VAL C 143 -4.96 -19.48 18.72
N GLU C 144 -4.20 -18.44 19.05
CA GLU C 144 -3.37 -18.50 20.25
C GLU C 144 -4.22 -18.58 21.52
N THR C 145 -3.69 -19.26 22.53
CA THR C 145 -4.33 -19.33 23.85
C THR C 145 -3.72 -18.33 24.81
N GLU C 146 -4.32 -18.20 25.99
CA GLU C 146 -3.75 -17.32 27.01
C GLU C 146 -2.29 -17.71 27.32
N LYS C 147 -1.98 -19.00 27.33
CA LYS C 147 -0.60 -19.46 27.55
C LYS C 147 0.33 -18.99 26.46
N ASP C 148 -0.13 -19.10 25.21
CA ASP C 148 0.63 -18.63 24.06
C ASP C 148 0.86 -17.13 24.19
N ARG C 149 -0.18 -16.41 24.59
CA ARG C 149 -0.09 -14.97 24.81
C ARG C 149 0.97 -14.65 25.82
N GLU C 150 0.93 -15.31 26.98
CA GLU C 150 1.93 -15.06 28.00
C GLU C 150 3.32 -15.32 27.48
N GLU C 151 3.48 -16.33 26.63
CA GLU C 151 4.80 -16.65 26.09
C GLU C 151 5.30 -15.57 25.10
N ARG C 152 4.42 -15.01 24.27
CA ARG C 152 4.89 -13.95 23.38
C ARG C 152 5.13 -12.64 24.13
N LYS C 153 4.38 -12.40 25.19
CA LYS C 153 4.64 -11.23 26.04
C LYS C 153 6.02 -11.34 26.70
N LYS C 154 6.34 -12.51 27.21
CA LYS C 154 7.64 -12.72 27.82
C LYS C 154 8.76 -12.65 26.79
N PHE C 155 8.53 -13.18 25.59
CA PHE C 155 9.51 -13.05 24.53
C PHE C 155 9.84 -11.56 24.30
N LEU C 156 8.81 -10.73 24.17
CA LEU C 156 9.09 -9.34 23.84
C LEU C 156 9.73 -8.57 24.98
N ARG C 157 9.58 -9.02 26.22
CA ARG C 157 10.10 -8.33 27.38
C ARG C 157 11.41 -8.90 27.89
N GLU C 158 11.60 -10.21 27.82
CA GLU C 158 12.81 -10.83 28.38
C GLU C 158 13.86 -11.17 27.36
N VAL C 159 13.43 -11.48 26.13
CA VAL C 159 14.35 -11.92 25.09
C VAL C 159 14.80 -10.74 24.26
N VAL C 160 13.92 -10.17 23.44
CA VAL C 160 14.29 -9.04 22.57
C VAL C 160 14.19 -7.65 23.27
N LYS C 161 13.48 -7.59 24.38
CA LYS C 161 13.43 -6.41 25.25
C LYS C 161 12.90 -5.16 24.55
N TYR C 162 11.92 -5.40 23.72
CA TYR C 162 11.28 -4.32 22.98
C TYR C 162 10.12 -3.71 23.73
N LYS C 163 9.64 -4.41 24.75
CA LYS C 163 8.55 -3.96 25.56
C LYS C 163 8.99 -4.08 27.04
N LEU C 164 8.38 -3.32 27.93
CA LEU C 164 8.61 -3.43 29.35
C LEU C 164 7.51 -4.22 30.04
P AMP D . 11.26 9.60 -16.66
P AMP D . 11.56 6.22 -14.38
O1P AMP D . 11.08 11.10 -16.89
O1P AMP D . 12.39 7.11 -15.27
O2P AMP D . 12.68 9.17 -16.84
O2P AMP D . 12.32 5.70 -13.17
O3P AMP D . 10.25 8.74 -17.41
O3P AMP D . 10.74 5.15 -15.09
O5' AMP D . 11.04 9.43 -15.04
O5' AMP D . 10.52 7.25 -13.67
C5' AMP D . 10.18 8.50 -14.35
C5' AMP D . 10.22 8.50 -14.27
C4' AMP D . 9.17 9.24 -13.46
O4' AMP D . 9.81 10.07 -12.46
C3' AMP D . 8.28 10.16 -14.28
O3' AMP D . 7.17 9.47 -14.88
C2' AMP D . 7.85 11.15 -13.22
O2' AMP D . 6.71 10.64 -12.49
C1' AMP D . 9.05 11.25 -12.31
N9 AMP D . 9.98 12.35 -12.66
C8 AMP D . 10.64 12.48 -13.83
N7 AMP D . 11.43 13.58 -13.82
C5 AMP D . 11.27 14.18 -12.62
C6 AMP D . 11.80 15.36 -11.93
N6 AMP D . 12.69 16.21 -12.53
N1 AMP D . 11.41 15.61 -10.66
C2 AMP D . 10.54 14.82 -10.02
N3 AMP D . 10.01 13.72 -10.59
C4 AMP D . 10.33 13.35 -11.85
N1 EPE E . 6.58 19.67 -14.20
C2 EPE E . 6.58 19.90 -12.75
C3 EPE E . 7.15 21.26 -12.41
N4 EPE E . 7.18 22.12 -13.57
C5 EPE E . 8.12 21.57 -14.55
C6 EPE E . 7.87 20.09 -14.80
C7 EPE E . 7.52 23.49 -13.25
C8 EPE E . 6.38 24.44 -13.58
O8 EPE E . 5.92 24.23 -14.90
C9 EPE E . 6.28 18.25 -14.42
C10 EPE E . 5.66 18.04 -15.79
S EPE E . 6.86 17.76 -17.12
O1S EPE E . 6.46 16.58 -17.90
O2S EPE E . 6.91 18.96 -17.98
O3S EPE E . 8.19 17.51 -16.57
P AMP F . -20.95 6.43 4.49
P AMP F . -18.20 6.58 1.33
O1P AMP F . -21.38 4.99 4.24
O1P AMP F . -17.18 7.22 0.39
O2P AMP F . -21.37 7.00 5.82
O2P AMP F . -18.61 5.15 1.00
O3P AMP F . -21.28 7.39 3.39
O3P AMP F . -19.34 7.56 1.53
O5' AMP F . -19.34 6.59 4.57
O5' AMP F . -17.42 6.30 2.74
C5' AMP F . -18.33 5.77 3.96
C5' AMP F . -18.19 5.87 3.87
C4' AMP F . -17.23 5.46 4.96
O4' AMP F . -16.63 6.64 5.54
C3' AMP F . -17.82 4.63 6.10
O3' AMP F . -17.78 3.24 5.72
C2' AMP F . -16.96 5.03 7.29
O2' AMP F . -15.79 4.21 7.28
C1' AMP F . -16.58 6.47 6.97
N9 AMP F . -17.45 7.45 7.70
C8 AMP F . -18.77 7.66 7.55
N7 AMP F . -19.22 8.65 8.35
C5 AMP F . -18.11 9.11 9.01
C6 AMP F . -17.88 10.14 9.99
N6 AMP F . -18.92 10.85 10.41
N1 AMP F . -16.61 10.36 10.45
C2 AMP F . -15.59 9.59 9.98
N3 AMP F . -15.71 8.61 9.07
C4 AMP F . -16.96 8.34 8.58
C ACT G . -0.70 -1.79 -1.28
O ACT G . -1.54 -2.13 -0.44
OXT ACT G . -1.06 -1.01 -2.13
CH3 ACT G . 0.71 -2.28 -1.23
N1 EPE H . -19.18 5.34 15.05
C2 EPE H . -17.79 5.74 15.36
C3 EPE H . -17.81 7.04 16.16
N4 EPE H . -18.62 6.93 17.36
C5 EPE H . -19.96 6.51 17.01
C6 EPE H . -19.87 5.16 16.33
C7 EPE H . -18.62 8.18 18.10
C8 EPE H . -19.48 8.13 19.36
O8 EPE H . -19.42 6.86 19.98
C9 EPE H . -19.16 4.08 14.30
C10 EPE H . -20.25 3.99 13.25
S EPE H . -21.85 4.75 13.63
O1S EPE H . -21.66 6.12 14.13
O2S EPE H . -22.67 4.83 12.41
O3S EPE H . -22.58 3.96 14.63
P AMP I . 10.10 -15.26 13.18
P AMP I . 6.26 -13.87 12.32
O1P AMP I . 11.40 -15.29 13.97
O1P AMP I . 6.87 -14.57 13.52
O2P AMP I . 8.95 -15.72 14.02
O2P AMP I . 5.17 -12.88 12.76
O3P AMP I . 10.14 -15.99 11.86
O3P AMP I . 5.88 -14.74 11.14
O5' AMP I . 9.75 -13.67 12.86
O5' AMP I . 7.38 -12.86 11.76
C5' AMP I . 8.84 -13.12 11.88
C5' AMP I . 8.78 -13.08 11.86
C4' AMP I . 9.46 -11.92 11.16
O4' AMP I . 9.63 -10.85 12.10
C3' AMP I . 10.88 -12.18 10.64
O3' AMP I . 10.92 -12.69 9.30
C2' AMP I . 11.52 -10.81 10.76
O2' AMP I . 11.18 -10.08 9.56
C1' AMP I . 10.89 -10.20 11.96
N9 AMP I . 11.69 -10.42 13.20
C8 AMP I . 12.01 -11.61 13.76
N7 AMP I . 12.75 -11.41 14.89
C5 AMP I . 12.88 -10.05 15.04
C6 AMP I . 13.52 -9.13 16.00
N6 AMP I . 14.20 -9.59 17.06
N1 AMP I . 13.42 -7.79 15.81
C2 AMP I . 12.72 -7.29 14.76
N3 AMP I . 12.12 -8.07 13.83
C4 AMP I . 12.17 -9.42 13.93
N1 EPE J . 19.45 -9.48 12.47
C2 EPE J . 19.12 -8.05 12.47
C3 EPE J . 19.70 -7.38 13.71
N4 EPE J . 21.15 -7.53 13.74
C5 EPE J . 21.45 -8.94 13.72
C6 EPE J . 20.92 -9.54 12.45
C7 EPE J . 21.71 -6.81 14.88
C8 EPE J . 23.14 -7.18 15.24
O8 EPE J . 23.95 -7.34 14.09
C9 EPE J . 18.88 -10.08 11.24
C10 EPE J . 18.51 -11.56 11.31
S EPE J . 19.52 -12.60 12.40
O1S EPE J . 19.51 -12.06 13.75
O2S EPE J . 18.92 -13.93 12.40
O3S EPE J . 20.91 -12.71 11.95
#